data_1OI1
#
_entry.id   1OI1
#
_cell.length_a   118.762
_cell.length_b   47.696
_cell.length_c   41.493
_cell.angle_alpha   90.00
_cell.angle_beta   100.29
_cell.angle_gamma   90.00
#
_symmetry.space_group_name_H-M   'C 1 2 1'
#
loop_
_entity.id
_entity.type
_entity.pdbx_description
1 polymer 'SCML2 PROTEIN'
2 non-polymer DI(HYDROXYETHYL)ETHER
3 water water
#
_entity_poly.entity_id   1
_entity_poly.type   'polypeptide(L)'
_entity_poly.pdbx_seq_one_letter_code
;GSTSSVQRDDFHWEEYLKETGSISAPSECFRQSQIPPVNDFKVGMKLEARDPRNATSVCIATVIGITGARLRLRLDGSDN
RNDFWRLVDSPDIQPVGTCEKEGDLLQPPLGYQMNTSSWPMFLLETLNGSEMASATLFKKEPPKPPLNNFKVGMKLEAID
KKNPYLICPATIGDVKGDEVHITFDGWSGAFDYWCKYDSRDIFPAGWCRLTGDVLQPPGTS
;
_entity_poly.pdbx_strand_id   A
#
loop_
_chem_comp.id
_chem_comp.type
_chem_comp.name
_chem_comp.formula
PEG non-polymer DI(HYDROXYETHYL)ETHER 'C4 H10 O3'
#
# COMPACT_ATOMS: atom_id res chain seq x y z
N PHE A 11 19.32 -3.13 8.85
CA PHE A 11 18.37 -3.62 9.88
C PHE A 11 18.16 -5.12 9.74
N HIS A 12 18.13 -5.82 10.87
CA HIS A 12 17.94 -7.26 10.88
C HIS A 12 16.99 -7.64 12.02
N TRP A 13 15.81 -8.14 11.67
CA TRP A 13 14.81 -8.50 12.68
C TRP A 13 15.25 -9.46 13.79
N GLU A 14 15.97 -10.52 13.44
CA GLU A 14 16.40 -11.47 14.47
C GLU A 14 17.21 -10.77 15.54
N GLU A 15 18.18 -9.95 15.13
CA GLU A 15 19.00 -9.25 16.10
C GLU A 15 18.19 -8.19 16.86
N TYR A 16 17.26 -7.53 16.17
CA TYR A 16 16.42 -6.50 16.78
C TYR A 16 15.49 -7.08 17.85
N LEU A 17 14.84 -8.20 17.53
CA LEU A 17 13.93 -8.83 18.47
C LEU A 17 14.69 -9.28 19.71
N LYS A 18 15.94 -9.69 19.52
CA LYS A 18 16.77 -10.13 20.64
C LYS A 18 17.08 -8.90 21.49
N GLU A 19 17.49 -7.83 20.83
CA GLU A 19 17.82 -6.57 21.50
C GLU A 19 16.65 -6.02 22.31
N THR A 20 15.47 -6.00 21.71
CA THR A 20 14.28 -5.47 22.37
C THR A 20 13.50 -6.51 23.18
N GLY A 21 14.02 -7.73 23.26
CA GLY A 21 13.36 -8.78 24.01
C GLY A 21 11.89 -8.89 23.63
N SER A 22 11.61 -8.86 22.33
CA SER A 22 10.25 -8.91 21.84
C SER A 22 10.03 -9.98 20.78
N ILE A 23 8.78 -10.19 20.42
CA ILE A 23 8.43 -11.15 19.39
C ILE A 23 7.75 -10.35 18.27
N SER A 24 7.75 -10.90 17.06
CA SER A 24 7.08 -10.24 15.95
C SER A 24 5.71 -10.88 15.80
N ALA A 25 4.74 -10.12 15.33
CA ALA A 25 3.41 -10.65 15.16
C ALA A 25 3.45 -11.70 14.04
N PRO A 26 2.84 -12.87 14.26
CA PRO A 26 2.84 -13.91 13.23
C PRO A 26 2.16 -13.40 11.96
N SER A 27 2.61 -13.89 10.80
CA SER A 27 2.04 -13.46 9.53
C SER A 27 0.53 -13.68 9.44
N GLU A 28 0.02 -14.68 10.17
CA GLU A 28 -1.40 -14.99 10.16
C GLU A 28 -2.27 -13.85 10.69
N CYS A 29 -1.65 -12.88 11.36
CA CYS A 29 -2.38 -11.75 11.92
C CYS A 29 -2.77 -10.71 10.88
N PHE A 30 -1.98 -10.64 9.81
CA PHE A 30 -2.17 -9.63 8.77
C PHE A 30 -3.01 -9.97 7.56
N ARG A 31 -3.60 -8.94 6.96
CA ARG A 31 -4.34 -9.14 5.73
C ARG A 31 -3.31 -8.90 4.62
N GLN A 32 -2.38 -9.85 4.51
CA GLN A 32 -1.32 -9.84 3.50
C GLN A 32 -1.09 -11.32 3.17
N SER A 33 -0.80 -11.63 1.90
CA SER A 33 -0.56 -13.02 1.52
C SER A 33 0.69 -13.55 2.21
N GLN A 34 0.67 -14.82 2.61
CA GLN A 34 1.84 -15.41 3.27
C GLN A 34 3.04 -15.26 2.36
N ILE A 35 2.82 -15.47 1.06
CA ILE A 35 3.87 -15.29 0.07
C ILE A 35 3.54 -13.93 -0.54
N PRO A 36 4.42 -12.93 -0.35
CA PRO A 36 4.16 -11.61 -0.92
C PRO A 36 3.91 -11.68 -2.41
N PRO A 37 3.04 -10.80 -2.93
CA PRO A 37 2.73 -10.80 -4.36
C PRO A 37 3.93 -10.27 -5.13
N VAL A 38 4.22 -10.86 -6.29
CA VAL A 38 5.32 -10.38 -7.09
C VAL A 38 4.86 -9.09 -7.78
N ASN A 39 5.78 -8.18 -8.00
CA ASN A 39 5.48 -6.89 -8.63
C ASN A 39 6.20 -6.80 -9.97
N ASP A 40 5.47 -7.01 -11.06
CA ASP A 40 6.08 -6.95 -12.38
C ASP A 40 5.72 -5.68 -13.16
N PHE A 41 5.13 -4.72 -12.48
CA PHE A 41 4.79 -3.45 -13.10
C PHE A 41 6.06 -2.71 -13.48
N LYS A 42 5.95 -1.84 -14.49
CA LYS A 42 7.09 -1.03 -14.92
C LYS A 42 6.69 0.44 -14.92
N VAL A 43 7.65 1.31 -14.64
CA VAL A 43 7.40 2.74 -14.65
C VAL A 43 6.81 3.11 -16.02
N GLY A 44 5.75 3.91 -16.01
CA GLY A 44 5.13 4.32 -17.26
C GLY A 44 3.87 3.57 -17.65
N MET A 45 3.63 2.41 -17.06
CA MET A 45 2.44 1.63 -17.40
C MET A 45 1.16 2.31 -16.98
N LYS A 46 0.11 2.10 -17.77
CA LYS A 46 -1.20 2.69 -17.50
C LYS A 46 -2.09 1.66 -16.84
N LEU A 47 -2.99 2.14 -15.98
CA LEU A 47 -3.95 1.29 -15.29
C LEU A 47 -5.08 2.17 -14.78
N GLU A 48 -5.98 1.58 -14.02
CA GLU A 48 -7.10 2.33 -13.46
C GLU A 48 -6.98 2.27 -11.95
N ALA A 49 -7.23 3.39 -11.28
CA ALA A 49 -7.13 3.43 -9.83
C ALA A 49 -8.25 4.24 -9.21
N ARG A 50 -8.71 3.83 -8.04
CA ARG A 50 -9.74 4.59 -7.37
C ARG A 50 -9.08 5.79 -6.72
N ASP A 51 -9.63 6.97 -6.97
CA ASP A 51 -9.11 8.21 -6.43
C ASP A 51 -9.03 8.14 -4.91
N PRO A 52 -7.82 8.33 -4.34
CA PRO A 52 -7.63 8.28 -2.89
C PRO A 52 -8.56 9.23 -2.13
N ARG A 53 -9.12 10.21 -2.83
CA ARG A 53 -10.02 11.17 -2.21
C ARG A 53 -11.47 10.70 -2.31
N ASN A 54 -11.78 10.01 -3.41
CA ASN A 54 -13.13 9.53 -3.65
C ASN A 54 -13.14 8.06 -4.09
N ALA A 55 -13.49 7.18 -3.17
CA ALA A 55 -13.53 5.75 -3.46
C ALA A 55 -14.53 5.36 -4.55
N THR A 56 -15.50 6.22 -4.83
CA THR A 56 -16.49 5.93 -5.86
C THR A 56 -16.03 6.30 -7.25
N SER A 57 -14.90 7.00 -7.33
CA SER A 57 -14.36 7.43 -8.62
C SER A 57 -13.14 6.63 -9.05
N VAL A 58 -13.14 6.20 -10.31
CA VAL A 58 -12.02 5.46 -10.88
C VAL A 58 -11.42 6.36 -11.95
N CYS A 59 -10.10 6.49 -11.93
CA CYS A 59 -9.41 7.35 -12.89
C CYS A 59 -8.25 6.62 -13.54
N ILE A 60 -7.83 7.09 -14.71
CA ILE A 60 -6.69 6.49 -15.39
C ILE A 60 -5.48 6.89 -14.55
N ALA A 61 -4.58 5.96 -14.29
CA ALA A 61 -3.39 6.24 -13.50
C ALA A 61 -2.15 5.73 -14.21
N THR A 62 -1.00 6.29 -13.83
CA THR A 62 0.28 5.90 -14.39
C THR A 62 1.23 5.49 -13.26
N VAL A 63 2.04 4.47 -13.52
CA VAL A 63 3.02 4.00 -12.55
C VAL A 63 4.20 4.98 -12.58
N ILE A 64 4.42 5.65 -11.47
CA ILE A 64 5.51 6.63 -11.35
C ILE A 64 6.76 5.94 -10.83
N GLY A 65 6.58 4.95 -9.97
CA GLY A 65 7.71 4.24 -9.42
C GLY A 65 7.33 2.89 -8.83
N ILE A 66 8.34 2.05 -8.65
CA ILE A 66 8.15 0.72 -8.09
C ILE A 66 8.94 0.64 -6.78
N THR A 67 8.30 0.13 -5.73
CA THR A 67 8.98 -0.03 -4.46
C THR A 67 8.43 -1.27 -3.77
N GLY A 68 9.22 -2.33 -3.77
CA GLY A 68 8.77 -3.57 -3.16
C GLY A 68 7.52 -4.05 -3.86
N ALA A 69 6.52 -4.47 -3.09
CA ALA A 69 5.27 -4.97 -3.67
C ALA A 69 4.32 -3.82 -3.95
N ARG A 70 4.82 -2.58 -3.93
CA ARG A 70 3.94 -1.44 -4.15
C ARG A 70 4.26 -0.58 -5.37
N LEU A 71 3.27 0.20 -5.76
CA LEU A 71 3.37 1.10 -6.90
C LEU A 71 3.14 2.53 -6.46
N ARG A 72 4.00 3.45 -6.91
CA ARG A 72 3.77 4.86 -6.62
C ARG A 72 2.92 5.25 -7.82
N LEU A 73 1.71 5.75 -7.57
CA LEU A 73 0.79 6.09 -8.65
C LEU A 73 0.39 7.55 -8.73
N ARG A 74 0.04 7.99 -9.94
CA ARG A 74 -0.41 9.36 -10.19
C ARG A 74 -1.60 9.30 -11.13
N LEU A 75 -2.62 10.11 -10.87
CA LEU A 75 -3.79 10.12 -11.73
C LEU A 75 -3.51 11.03 -12.93
N ASP A 76 -3.68 10.49 -14.14
CA ASP A 76 -3.44 11.28 -15.35
C ASP A 76 -4.26 12.56 -15.34
N GLY A 77 -3.63 13.66 -15.75
CA GLY A 77 -4.34 14.93 -15.77
C GLY A 77 -4.11 15.79 -14.54
N SER A 78 -3.45 15.24 -13.52
CA SER A 78 -3.18 15.99 -12.30
C SER A 78 -1.67 16.20 -12.14
N ASP A 79 -1.29 17.14 -11.28
CA ASP A 79 0.13 17.41 -11.08
C ASP A 79 0.80 16.30 -10.27
N ASN A 80 2.09 16.49 -9.96
CA ASN A 80 2.85 15.48 -9.23
C ASN A 80 2.90 15.63 -7.71
N ARG A 81 1.95 16.35 -7.13
CA ARG A 81 1.96 16.56 -5.69
C ARG A 81 1.14 15.61 -4.84
N ASN A 82 0.29 14.80 -5.47
CA ASN A 82 -0.56 13.89 -4.72
C ASN A 82 -0.47 12.43 -5.09
N ASP A 83 0.74 11.96 -5.35
CA ASP A 83 0.94 10.56 -5.70
C ASP A 83 0.59 9.72 -4.49
N PHE A 84 0.20 8.48 -4.72
CA PHE A 84 -0.16 7.57 -3.63
C PHE A 84 0.43 6.21 -3.90
N TRP A 85 0.56 5.41 -2.85
CA TRP A 85 1.14 4.08 -2.97
C TRP A 85 0.13 2.96 -2.76
N ARG A 86 0.14 1.98 -3.65
CA ARG A 86 -0.78 0.85 -3.56
C ARG A 86 -0.08 -0.48 -3.83
N LEU A 87 -0.47 -1.50 -3.06
CA LEU A 87 0.09 -2.83 -3.24
C LEU A 87 -0.45 -3.40 -4.55
N VAL A 88 0.29 -4.30 -5.17
CA VAL A 88 -0.15 -4.89 -6.43
C VAL A 88 -1.38 -5.77 -6.27
N ASP A 89 -1.72 -6.10 -5.03
CA ASP A 89 -2.92 -6.90 -4.78
C ASP A 89 -3.97 -6.06 -4.05
N SER A 90 -3.92 -4.75 -4.29
CA SER A 90 -4.89 -3.83 -3.69
C SER A 90 -6.14 -3.80 -4.55
N PRO A 91 -7.32 -3.76 -3.92
CA PRO A 91 -8.56 -3.71 -4.70
C PRO A 91 -8.75 -2.34 -5.35
N ASP A 92 -7.90 -1.38 -4.98
CA ASP A 92 -8.00 -0.02 -5.51
C ASP A 92 -7.41 0.16 -6.91
N ILE A 93 -6.77 -0.87 -7.45
CA ILE A 93 -6.21 -0.77 -8.79
C ILE A 93 -6.75 -1.88 -9.67
N GLN A 94 -6.81 -1.62 -10.97
CA GLN A 94 -7.34 -2.58 -11.93
C GLN A 94 -6.83 -2.24 -13.33
N PRO A 95 -6.82 -3.23 -14.24
CA PRO A 95 -6.35 -2.98 -15.60
C PRO A 95 -7.28 -2.03 -16.37
N VAL A 96 -6.71 -1.29 -17.32
CA VAL A 96 -7.49 -0.36 -18.13
C VAL A 96 -8.63 -1.10 -18.84
N GLY A 97 -9.84 -0.55 -18.75
CA GLY A 97 -10.99 -1.17 -19.38
C GLY A 97 -11.93 -1.81 -18.37
N THR A 98 -11.45 -1.96 -17.14
CA THR A 98 -12.25 -2.57 -16.09
C THR A 98 -13.44 -1.70 -15.73
N CYS A 99 -13.22 -0.38 -15.64
CA CYS A 99 -14.27 0.56 -15.30
C CYS A 99 -15.44 0.46 -16.29
N GLU A 100 -15.12 0.50 -17.57
CA GLU A 100 -16.14 0.41 -18.61
C GLU A 100 -16.80 -0.97 -18.60
N LYS A 101 -15.99 -2.00 -18.39
CA LYS A 101 -16.49 -3.36 -18.36
C LYS A 101 -17.52 -3.54 -17.26
N GLU A 102 -17.37 -2.79 -16.17
CA GLU A 102 -18.29 -2.88 -15.05
C GLU A 102 -19.44 -1.89 -15.18
N GLY A 103 -19.56 -1.27 -16.36
CA GLY A 103 -20.64 -0.34 -16.60
C GLY A 103 -20.53 1.03 -15.94
N ASP A 104 -19.30 1.51 -15.77
CA ASP A 104 -19.09 2.82 -15.16
C ASP A 104 -18.32 3.73 -16.09
N LEU A 105 -18.13 4.97 -15.66
CA LEU A 105 -17.40 5.95 -16.47
C LEU A 105 -16.18 6.45 -15.71
N LEU A 106 -15.07 6.60 -16.42
CA LEU A 106 -13.85 7.10 -15.79
C LEU A 106 -14.09 8.55 -15.40
N GLN A 107 -13.51 8.95 -14.28
CA GLN A 107 -13.68 10.32 -13.77
C GLN A 107 -12.38 11.11 -13.80
N PRO A 108 -12.49 12.44 -13.89
CA PRO A 108 -11.27 13.25 -13.92
C PRO A 108 -10.76 13.36 -12.48
N PRO A 109 -9.44 13.55 -12.30
CA PRO A 109 -8.87 13.68 -10.96
C PRO A 109 -9.04 15.10 -10.44
N LEU A 110 -8.89 15.30 -9.13
CA LEU A 110 -9.05 16.63 -8.56
C LEU A 110 -7.99 17.57 -9.14
N GLY A 111 -8.43 18.75 -9.55
CA GLY A 111 -7.50 19.72 -10.11
C GLY A 111 -7.32 19.60 -11.61
N TYR A 112 -7.97 18.60 -12.21
CA TYR A 112 -7.87 18.40 -13.65
C TYR A 112 -8.08 19.70 -14.41
N GLN A 113 -7.39 19.85 -15.53
CA GLN A 113 -7.51 21.05 -16.36
C GLN A 113 -7.53 20.70 -17.84
N SER A 118 -12.06 17.64 -25.60
CA SER A 118 -13.11 17.18 -24.71
C SER A 118 -12.57 16.14 -23.73
N TRP A 119 -13.41 15.74 -22.78
CA TRP A 119 -13.01 14.74 -21.80
C TRP A 119 -12.70 13.41 -22.47
N PRO A 120 -13.60 12.94 -23.37
CA PRO A 120 -13.37 11.68 -24.08
C PRO A 120 -12.05 11.64 -24.83
N MET A 121 -11.69 12.78 -25.44
CA MET A 121 -10.44 12.86 -26.20
C MET A 121 -9.21 12.79 -25.30
N PHE A 122 -9.29 13.39 -24.12
CA PHE A 122 -8.18 13.35 -23.18
C PHE A 122 -7.85 11.90 -22.87
N LEU A 123 -8.89 11.14 -22.54
CA LEU A 123 -8.75 9.72 -22.21
C LEU A 123 -8.11 8.98 -23.37
N LEU A 124 -8.42 9.40 -24.59
CA LEU A 124 -7.87 8.77 -25.79
C LEU A 124 -6.40 9.11 -25.92
N GLU A 125 -6.09 10.40 -25.87
CA GLU A 125 -4.72 10.87 -26.00
C GLU A 125 -3.78 10.44 -24.88
N THR A 126 -4.25 10.45 -23.64
CA THR A 126 -3.39 10.06 -22.52
C THR A 126 -2.99 8.58 -22.55
N LEU A 127 -3.78 7.75 -23.23
CA LEU A 127 -3.49 6.32 -23.31
C LEU A 127 -2.88 5.89 -24.64
N ASN A 128 -3.05 6.70 -25.68
CA ASN A 128 -2.54 6.38 -26.99
C ASN A 128 -1.04 6.05 -27.02
N GLY A 129 -0.72 4.88 -27.57
CA GLY A 129 0.67 4.46 -27.68
C GLY A 129 1.34 4.05 -26.37
N SER A 130 0.59 4.09 -25.28
CA SER A 130 1.13 3.72 -23.98
C SER A 130 1.07 2.21 -23.74
N GLU A 131 1.86 1.73 -22.78
CA GLU A 131 1.86 0.32 -22.44
C GLU A 131 0.88 0.13 -21.29
N MET A 132 -0.12 -0.72 -21.51
CA MET A 132 -1.13 -0.99 -20.50
C MET A 132 -0.66 -2.16 -19.63
N ALA A 133 -0.71 -1.99 -18.31
CA ALA A 133 -0.31 -3.08 -17.43
C ALA A 133 -1.22 -4.28 -17.72
N SER A 134 -0.60 -5.45 -17.92
CA SER A 134 -1.34 -6.68 -18.21
C SER A 134 -2.27 -7.07 -17.05
N ALA A 135 -3.42 -7.65 -17.36
CA ALA A 135 -4.36 -8.06 -16.34
C ALA A 135 -3.75 -9.03 -15.33
N THR A 136 -2.74 -9.80 -15.77
CA THR A 136 -2.09 -10.76 -14.89
C THR A 136 -1.19 -10.14 -13.81
N LEU A 137 -0.89 -8.85 -13.95
CA LEU A 137 -0.05 -8.17 -12.96
C LEU A 137 -0.82 -7.83 -11.69
N PHE A 138 -2.14 -7.79 -11.79
CA PHE A 138 -2.98 -7.46 -10.64
C PHE A 138 -3.24 -8.74 -9.88
N LYS A 139 -2.67 -8.84 -8.69
CA LYS A 139 -2.78 -10.03 -7.87
C LYS A 139 -4.01 -10.12 -6.96
N LYS A 140 -4.41 -11.34 -6.64
CA LYS A 140 -5.56 -11.60 -5.80
C LYS A 140 -5.46 -10.92 -4.43
N GLU A 141 -6.52 -10.23 -4.05
CA GLU A 141 -6.57 -9.55 -2.76
C GLU A 141 -6.59 -10.57 -1.64
N PRO A 142 -5.67 -10.46 -0.67
CA PRO A 142 -5.66 -11.43 0.43
C PRO A 142 -6.92 -11.29 1.28
N PRO A 143 -7.47 -12.41 1.75
CA PRO A 143 -8.69 -12.36 2.57
C PRO A 143 -8.40 -11.81 3.97
N LYS A 144 -9.44 -11.27 4.61
CA LYS A 144 -9.29 -10.72 5.95
C LYS A 144 -9.16 -11.86 6.93
N PRO A 145 -8.22 -11.76 7.88
CA PRO A 145 -8.09 -12.84 8.85
C PRO A 145 -9.40 -12.90 9.66
N PRO A 146 -9.92 -14.11 9.91
CA PRO A 146 -11.16 -14.26 10.67
C PRO A 146 -11.18 -13.52 12.00
N LEU A 147 -10.05 -13.52 12.69
CA LEU A 147 -9.95 -12.87 13.99
C LEU A 147 -8.82 -11.86 14.06
N ASN A 148 -8.89 -10.97 15.06
CA ASN A 148 -7.86 -9.98 15.30
C ASN A 148 -6.98 -10.64 16.36
N ASN A 149 -5.86 -11.21 15.94
CA ASN A 149 -4.97 -11.90 16.86
C ASN A 149 -3.74 -11.12 17.27
N PHE A 150 -3.73 -9.82 16.99
CA PHE A 150 -2.61 -8.97 17.39
C PHE A 150 -2.65 -8.84 18.91
N LYS A 151 -1.50 -8.81 19.54
CA LYS A 151 -1.41 -8.66 20.98
C LYS A 151 -0.41 -7.55 21.32
N VAL A 152 -0.66 -6.84 22.41
CA VAL A 152 0.22 -5.77 22.84
C VAL A 152 1.65 -6.28 22.97
N GLY A 153 2.60 -5.52 22.43
CA GLY A 153 3.99 -5.91 22.51
C GLY A 153 4.56 -6.50 21.22
N MET A 154 3.69 -7.06 20.38
CA MET A 154 4.15 -7.66 19.12
C MET A 154 4.68 -6.59 18.16
N LYS A 155 5.75 -6.93 17.45
CA LYS A 155 6.35 -6.00 16.51
C LYS A 155 5.93 -6.32 15.07
N LEU A 156 6.08 -5.34 14.20
CA LEU A 156 5.71 -5.48 12.79
C LEU A 156 6.35 -4.36 11.98
N GLU A 157 6.01 -4.32 10.69
CA GLU A 157 6.51 -3.30 9.78
C GLU A 157 5.28 -2.51 9.37
N ALA A 158 5.35 -1.18 9.49
CA ALA A 158 4.21 -0.34 9.16
C ALA A 158 4.58 0.86 8.32
N ILE A 159 3.71 1.20 7.38
CA ILE A 159 3.93 2.35 6.51
C ILE A 159 3.75 3.62 7.33
N ASP A 160 4.65 4.58 7.13
CA ASP A 160 4.54 5.88 7.80
C ASP A 160 3.55 6.63 6.91
N LYS A 161 2.32 6.78 7.38
CA LYS A 161 1.30 7.45 6.57
C LYS A 161 1.58 8.90 6.20
N LYS A 162 2.54 9.52 6.87
CA LYS A 162 2.89 10.90 6.56
C LYS A 162 3.99 10.94 5.50
N ASN A 163 4.68 9.81 5.35
CA ASN A 163 5.76 9.65 4.35
C ASN A 163 5.65 8.19 3.90
N PRO A 164 4.55 7.87 3.17
CA PRO A 164 4.18 6.56 2.61
C PRO A 164 5.25 5.74 1.90
N TYR A 165 6.30 6.39 1.42
CA TYR A 165 7.37 5.68 0.73
C TYR A 165 8.26 4.96 1.74
N LEU A 166 8.02 5.23 3.03
CA LEU A 166 8.80 4.62 4.10
C LEU A 166 8.02 3.59 4.90
N ILE A 167 8.67 2.47 5.20
CA ILE A 167 8.07 1.43 6.02
C ILE A 167 9.00 1.33 7.23
N CYS A 168 8.42 1.36 8.42
CA CYS A 168 9.22 1.36 9.64
C CYS A 168 8.85 0.30 10.68
N PRO A 169 9.80 -0.03 11.56
CA PRO A 169 9.54 -1.03 12.61
C PRO A 169 8.54 -0.42 13.59
N ALA A 170 7.53 -1.19 13.95
CA ALA A 170 6.51 -0.71 14.87
C ALA A 170 6.10 -1.76 15.88
N THR A 171 5.34 -1.33 16.87
CA THR A 171 4.86 -2.22 17.92
C THR A 171 3.38 -1.99 18.17
N ILE A 172 2.65 -3.07 18.45
CA ILE A 172 1.22 -2.97 18.75
C ILE A 172 1.19 -2.40 20.18
N GLY A 173 0.75 -1.15 20.32
CA GLY A 173 0.69 -0.54 21.63
C GLY A 173 -0.58 -0.81 22.41
N ASP A 174 -1.65 -1.13 21.69
CA ASP A 174 -2.93 -1.40 22.31
C ASP A 174 -3.82 -2.09 21.29
N VAL A 175 -4.86 -2.76 21.76
CA VAL A 175 -5.79 -3.46 20.90
C VAL A 175 -7.20 -3.26 21.43
N LYS A 176 -8.08 -2.77 20.56
CA LYS A 176 -9.48 -2.53 20.94
C LYS A 176 -10.40 -2.93 19.79
N GLY A 177 -11.21 -3.97 20.01
CA GLY A 177 -12.12 -4.41 18.97
C GLY A 177 -11.35 -4.84 17.73
N ASP A 178 -11.73 -4.31 16.59
CA ASP A 178 -11.07 -4.65 15.33
C ASP A 178 -9.97 -3.65 14.97
N GLU A 179 -9.52 -2.90 15.95
CA GLU A 179 -8.48 -1.90 15.72
C GLU A 179 -7.22 -2.15 16.56
N VAL A 180 -6.09 -1.72 16.03
CA VAL A 180 -4.81 -1.85 16.73
C VAL A 180 -4.11 -0.50 16.71
N HIS A 181 -3.33 -0.23 17.75
CA HIS A 181 -2.61 1.02 17.82
C HIS A 181 -1.18 0.79 17.35
N ILE A 182 -0.83 1.40 16.21
CA ILE A 182 0.51 1.25 15.66
C ILE A 182 1.44 2.32 16.24
N THR A 183 2.44 1.89 17.00
CA THR A 183 3.41 2.81 17.58
C THR A 183 4.77 2.59 16.94
N PHE A 184 5.37 3.67 16.44
CA PHE A 184 6.67 3.55 15.78
C PHE A 184 7.84 3.58 16.72
N ASP A 185 8.63 2.50 16.68
CA ASP A 185 9.81 2.33 17.52
C ASP A 185 10.83 3.46 17.39
N GLY A 186 11.31 3.94 18.53
CA GLY A 186 12.31 4.99 18.53
C GLY A 186 11.82 6.41 18.39
N TRP A 187 10.53 6.59 18.13
CA TRP A 187 9.97 7.92 18.00
C TRP A 187 9.05 8.22 19.18
N SER A 188 8.75 9.50 19.40
CA SER A 188 7.92 9.89 20.52
C SER A 188 6.42 9.93 20.23
N GLY A 189 5.95 8.98 19.44
CA GLY A 189 4.54 8.92 19.10
C GLY A 189 4.13 10.00 18.12
N ALA A 190 5.11 10.75 17.62
CA ALA A 190 4.87 11.83 16.68
C ALA A 190 3.92 11.44 15.55
N PHE A 191 4.13 10.27 14.96
CA PHE A 191 3.25 9.84 13.88
C PHE A 191 2.64 8.44 14.04
N ASP A 192 2.32 8.09 15.28
CA ASP A 192 1.68 6.81 15.57
C ASP A 192 0.23 6.91 15.09
N TYR A 193 -0.44 5.78 14.93
CA TYR A 193 -1.83 5.82 14.48
C TYR A 193 -2.59 4.53 14.75
N TRP A 194 -3.91 4.66 14.84
CA TRP A 194 -4.77 3.51 15.03
C TRP A 194 -5.24 3.08 13.65
N CYS A 195 -5.47 1.79 13.46
CA CYS A 195 -5.95 1.29 12.19
C CYS A 195 -6.66 -0.04 12.41
N LYS A 196 -7.41 -0.49 11.40
CA LYS A 196 -8.10 -1.76 11.51
C LYS A 196 -7.02 -2.84 11.47
N TYR A 197 -7.26 -3.95 12.15
CA TYR A 197 -6.26 -5.02 12.18
C TYR A 197 -5.99 -5.59 10.79
N ASP A 198 -6.96 -5.45 9.89
CA ASP A 198 -6.82 -5.96 8.54
C ASP A 198 -6.40 -4.89 7.53
N SER A 199 -5.82 -3.81 8.05
CA SER A 199 -5.33 -2.72 7.20
C SER A 199 -4.28 -3.26 6.24
N ARG A 200 -4.24 -2.72 5.02
CA ARG A 200 -3.26 -3.17 4.05
C ARG A 200 -1.96 -2.38 4.21
N ASP A 201 -1.91 -1.48 5.20
CA ASP A 201 -0.72 -0.67 5.44
C ASP A 201 0.26 -1.22 6.47
N ILE A 202 -0.03 -2.40 7.01
CA ILE A 202 0.87 -3.02 7.97
C ILE A 202 1.28 -4.40 7.43
N PHE A 203 2.48 -4.82 7.78
CA PHE A 203 3.01 -6.09 7.29
C PHE A 203 3.82 -6.85 8.35
N PRO A 204 3.98 -8.16 8.17
CA PRO A 204 4.74 -8.96 9.14
C PRO A 204 6.22 -8.67 9.02
N ALA A 205 6.96 -8.90 10.09
CA ALA A 205 8.40 -8.69 10.11
C ALA A 205 9.03 -9.49 8.97
N GLY A 206 9.90 -8.84 8.20
CA GLY A 206 10.56 -9.53 7.11
C GLY A 206 9.96 -9.25 5.74
N TRP A 207 8.84 -8.54 5.71
CA TRP A 207 8.17 -8.23 4.46
C TRP A 207 9.05 -7.40 3.53
N CYS A 208 9.66 -6.35 4.05
CA CYS A 208 10.53 -5.51 3.22
C CYS A 208 11.66 -6.33 2.61
N ARG A 209 12.29 -7.18 3.41
CA ARG A 209 13.39 -8.01 2.93
C ARG A 209 12.95 -8.94 1.80
N LEU A 210 11.78 -9.56 1.94
CA LEU A 210 11.28 -10.47 0.92
C LEU A 210 10.93 -9.76 -0.38
N THR A 211 10.36 -8.57 -0.26
CA THR A 211 9.92 -7.81 -1.44
C THR A 211 10.94 -6.86 -2.07
N GLY A 212 12.11 -6.73 -1.46
CA GLY A 212 13.12 -5.87 -2.04
C GLY A 212 13.02 -4.40 -1.66
N ASP A 213 12.31 -4.13 -0.56
CA ASP A 213 12.17 -2.76 -0.08
C ASP A 213 13.14 -2.68 1.11
N VAL A 214 13.23 -1.52 1.73
CA VAL A 214 14.12 -1.36 2.87
C VAL A 214 13.34 -0.87 4.08
N LEU A 215 13.57 -1.50 5.22
CA LEU A 215 12.91 -1.11 6.44
C LEU A 215 13.74 0.01 7.08
N GLN A 216 13.09 1.10 7.45
CA GLN A 216 13.81 2.21 8.07
C GLN A 216 14.30 1.82 9.45
N PRO A 217 15.44 2.38 9.88
CA PRO A 217 15.94 2.03 11.20
C PRO A 217 14.99 2.69 12.21
N PRO A 218 14.91 2.17 13.44
CA PRO A 218 14.00 2.79 14.40
C PRO A 218 14.49 4.19 14.77
N GLY A 219 13.63 4.97 15.42
CA GLY A 219 14.00 6.30 15.84
C GLY A 219 15.09 6.21 16.90
N THR A 220 15.59 7.35 17.34
CA THR A 220 16.66 7.35 18.34
C THR A 220 16.23 7.56 19.79
N SER A 221 14.98 7.95 20.01
CA SER A 221 14.51 8.18 21.37
C SER A 221 14.13 6.89 22.08
C1 PEG B . 0.76 -15.45 -12.95
O1 PEG B . 0.21 -14.68 -11.88
C2 PEG B . 1.21 -14.48 -14.04
O2 PEG B . 2.14 -13.53 -13.81
C3 PEG B . 2.25 -12.38 -14.69
C4 PEG B . 3.33 -11.52 -14.07
O4 PEG B . 3.06 -10.82 -12.88
#